data_2H8O
#
_entry.id   2H8O
#
_cell.length_a   63.341
_cell.length_b   79.807
_cell.length_c   51.850
_cell.angle_alpha   90.00
_cell.angle_beta   90.00
_cell.angle_gamma   90.00
#
_symmetry.space_group_name_H-M   'P 21 21 2'
#
loop_
_entity.id
_entity.type
_entity.pdbx_description
1 polymer Geranyltranstransferase
2 water water
#
_entity_poly.entity_id   1
_entity_poly.type   'polypeptide(L)'
_entity_poly.pdbx_seq_one_letter_code
;MPSSRRVRSRCCAFGITKRFACIRPACQRARMDAQMTNFETRLRENAAKTEALLGHLLSGEARADEITRPQNLLEAMRHG
VLNGGKRLRPFLVIESVALLGGDAEAGLHVGAALECLHCYSLVHDDLPAMDDDDLRRGQPTVHRKFDEATAILAGDSLLT
LAFDIIASDDNPLAAERKAALVISLARAAGIGGMAGGQALDLAAEKKAPDEDGIITLQAMKTGALLRFACEAGAIIAGSN
QAERQRLRLFGEKIGLSFQLADDLLDLTADAATMGKATGKDAARGKGTLVALRGEAWAREKLQEQVAEASELLAPYGEKA
AILIAAARFIAERKS
;
_entity_poly.pdbx_strand_id   A
#
# COMPACT_ATOMS: atom_id res chain seq x y z
N ASP A 33 -6.15 -0.79 -24.24
CA ASP A 33 -6.05 0.69 -24.50
C ASP A 33 -7.22 1.44 -23.86
N ALA A 34 -8.44 1.18 -24.33
CA ALA A 34 -9.64 1.70 -23.66
C ALA A 34 -9.75 1.12 -22.23
N GLN A 35 -9.33 -0.14 -22.06
CA GLN A 35 -9.32 -0.75 -20.74
C GLN A 35 -8.25 -0.12 -19.85
N MET A 36 -7.08 0.16 -20.42
CA MET A 36 -6.02 0.83 -19.65
C MET A 36 -6.44 2.24 -19.26
N THR A 37 -7.20 2.92 -20.12
CA THR A 37 -7.82 4.20 -19.76
C THR A 37 -8.80 4.01 -18.60
N ASN A 38 -9.59 2.94 -18.65
CA ASN A 38 -10.51 2.64 -17.56
C ASN A 38 -9.79 2.60 -16.21
N PHE A 39 -8.69 1.85 -16.14
CA PHE A 39 -7.90 1.80 -14.92
C PHE A 39 -7.31 3.16 -14.55
N GLU A 40 -6.66 3.83 -15.51
CA GLU A 40 -5.94 5.08 -15.21
C GLU A 40 -6.89 6.12 -14.66
N THR A 41 -8.07 6.18 -15.26
CA THR A 41 -9.11 7.12 -14.87
C THR A 41 -9.63 6.80 -13.47
N ARG A 42 -9.91 5.53 -13.19
CA ARG A 42 -10.35 5.15 -11.85
C ARG A 42 -9.26 5.35 -10.82
N LEU A 43 -8.00 5.09 -11.20
CA LEU A 43 -6.87 5.33 -10.28
C LEU A 43 -6.86 6.80 -9.84
N ARG A 44 -6.99 7.70 -10.81
CA ARG A 44 -7.03 9.15 -10.53
C ARG A 44 -8.25 9.54 -9.71
N GLU A 45 -9.40 8.94 -10.01
CA GLU A 45 -10.64 9.20 -9.25
C GLU A 45 -10.51 8.77 -7.81
N ASN A 46 -10.04 7.55 -7.62
CA ASN A 46 -9.88 7.03 -6.28
C ASN A 46 -8.79 7.78 -5.55
N ALA A 47 -7.74 8.20 -6.27
CA ALA A 47 -6.67 8.99 -5.64
C ALA A 47 -7.25 10.28 -5.10
N ALA A 48 -8.04 10.97 -5.92
CA ALA A 48 -8.67 12.22 -5.49
C ALA A 48 -9.65 12.04 -4.30
N LYS A 49 -10.48 11.00 -4.33
CA LYS A 49 -11.36 10.72 -3.19
C LYS A 49 -10.57 10.46 -1.91
N THR A 50 -9.52 9.67 -2.04
CA THR A 50 -8.70 9.29 -0.87
C THR A 50 -7.98 10.53 -0.34
N GLU A 51 -7.41 11.31 -1.25
CA GLU A 51 -6.78 12.56 -0.86
C GLU A 51 -7.72 13.53 -0.14
N ALA A 52 -8.96 13.65 -0.60
CA ALA A 52 -9.93 14.52 0.05
C ALA A 52 -10.17 14.08 1.50
N LEU A 53 -10.36 12.77 1.70
CA LEU A 53 -10.56 12.26 3.06
C LEU A 53 -9.29 12.46 3.90
N LEU A 54 -8.14 12.14 3.33
CA LEU A 54 -6.86 12.39 4.02
C LEU A 54 -6.71 13.85 4.48
N GLY A 55 -7.08 14.79 3.63
CA GLY A 55 -6.98 16.20 4.01
C GLY A 55 -7.84 16.50 5.21
N HIS A 56 -9.03 15.91 5.21
CA HIS A 56 -9.95 16.03 6.31
C HIS A 56 -9.37 15.40 7.59
N LEU A 57 -8.83 14.19 7.45
CA LEU A 57 -8.28 13.47 8.61
C LEU A 57 -7.02 14.13 9.18
N LEU A 58 -6.34 14.94 8.36
CA LEU A 58 -5.14 15.68 8.77
C LEU A 58 -5.44 17.15 9.06
N SER A 59 -6.70 17.49 9.28
CA SER A 59 -7.02 18.86 9.64
C SER A 59 -6.48 19.20 11.03
N GLY A 60 -6.42 20.49 11.32
CA GLY A 60 -5.77 20.96 12.52
C GLY A 60 -6.58 20.85 13.79
N GLU A 61 -7.86 20.57 13.68
CA GLU A 61 -8.78 20.48 14.83
CA GLU A 61 -8.67 20.55 14.89
C GLU A 61 -8.50 19.23 15.63
N ALA A 62 -8.37 19.34 16.94
CA ALA A 62 -8.20 18.18 17.80
C ALA A 62 -9.49 17.37 17.81
N ARG A 63 -9.34 16.06 17.74
CA ARG A 63 -10.44 15.13 17.87
C ARG A 63 -10.70 14.82 19.34
N ALA A 64 -11.82 14.13 19.60
CA ALA A 64 -12.06 13.58 20.93
C ALA A 64 -10.82 12.82 21.37
N ASP A 65 -10.39 13.03 22.60
CA ASP A 65 -9.28 12.28 23.17
C ASP A 65 -7.89 12.76 22.74
N GLU A 66 -7.84 13.77 21.89
CA GLU A 66 -6.61 14.47 21.56
C GLU A 66 -6.56 15.77 22.32
N ILE A 67 -5.36 16.17 22.72
CA ILE A 67 -5.21 17.37 23.50
C ILE A 67 -5.11 18.58 22.56
N THR A 68 -4.12 18.56 21.66
CA THR A 68 -4.04 19.53 20.57
C THR A 68 -3.22 18.89 19.47
N ARG A 69 -3.30 19.42 18.24
CA ARG A 69 -2.46 18.93 17.13
C ARG A 69 -1.38 19.96 16.80
N PRO A 70 -0.13 19.69 17.20
CA PRO A 70 0.92 20.67 16.92
C PRO A 70 1.08 20.92 15.44
N GLN A 71 1.12 22.19 15.08
CA GLN A 71 0.97 22.53 13.68
C GLN A 71 2.18 22.08 12.83
N ASN A 72 3.39 22.22 13.35
CA ASN A 72 4.58 21.87 12.57
C ASN A 72 4.61 20.37 12.26
N LEU A 73 4.38 19.56 13.28
CA LEU A 73 4.33 18.10 13.08
C LEU A 73 3.22 17.72 12.09
N LEU A 74 2.05 18.35 12.23
CA LEU A 74 0.94 18.10 11.31
C LEU A 74 1.31 18.49 9.88
N GLU A 75 1.98 19.62 9.68
CA GLU A 75 2.47 20.00 8.35
C GLU A 75 3.41 18.94 7.75
N ALA A 76 4.28 18.38 8.59
CA ALA A 76 5.22 17.35 8.17
C ALA A 76 4.51 16.10 7.73
N MET A 77 3.47 15.71 8.50
CA MET A 77 2.61 14.58 8.14
C MET A 77 1.95 14.83 6.78
N ARG A 78 1.35 16.00 6.60
CA ARG A 78 0.73 16.34 5.32
C ARG A 78 1.74 16.28 4.17
N HIS A 79 2.96 16.76 4.41
CA HIS A 79 4.01 16.72 3.41
C HIS A 79 4.32 15.27 3.02
N GLY A 80 4.40 14.41 4.03
CA GLY A 80 4.66 13.00 3.80
C GLY A 80 3.59 12.35 2.96
N VAL A 81 2.33 12.72 3.22
CA VAL A 81 1.20 12.21 2.44
C VAL A 81 1.19 12.80 1.02
N LEU A 82 1.46 14.09 0.89
CA LEU A 82 1.55 14.74 -0.42
C LEU A 82 2.51 14.02 -1.37
N ASN A 83 3.64 13.55 -0.83
CA ASN A 83 4.70 12.89 -1.60
C ASN A 83 4.52 11.39 -1.84
N GLY A 84 3.38 10.83 -1.43
CA GLY A 84 3.18 9.39 -1.36
C GLY A 84 2.97 8.63 -2.64
N GLY A 85 2.69 9.35 -3.74
CA GLY A 85 2.54 8.73 -5.05
C GLY A 85 1.12 8.63 -5.56
N LYS A 86 0.88 7.61 -6.38
CA LYS A 86 -0.32 7.52 -7.19
C LYS A 86 -1.53 6.82 -6.53
N ARG A 87 -1.38 6.43 -5.26
CA ARG A 87 -2.49 5.92 -4.46
C ARG A 87 -3.01 4.54 -4.95
N LEU A 88 -2.11 3.70 -5.43
CA LEU A 88 -2.49 2.34 -5.81
C LEU A 88 -3.07 1.55 -4.65
N ARG A 89 -2.51 1.70 -3.45
CA ARG A 89 -2.98 0.88 -2.33
C ARG A 89 -4.46 1.20 -1.95
N PRO A 90 -4.80 2.49 -1.74
CA PRO A 90 -6.22 2.82 -1.59
C PRO A 90 -7.10 2.39 -2.76
N PHE A 91 -6.59 2.50 -3.99
CA PHE A 91 -7.33 2.07 -5.15
C PHE A 91 -7.75 0.61 -4.98
N LEU A 92 -6.80 -0.22 -4.56
CA LEU A 92 -7.05 -1.65 -4.44
C LEU A 92 -8.07 -1.95 -3.34
N VAL A 93 -7.99 -1.23 -2.22
CA VAL A 93 -8.99 -1.38 -1.16
C VAL A 93 -10.40 -1.02 -1.66
N ILE A 94 -10.51 0.18 -2.23
CA ILE A 94 -11.78 0.68 -2.76
C ILE A 94 -12.37 -0.29 -3.77
N GLU A 95 -11.54 -0.77 -4.69
CA GLU A 95 -12.05 -1.62 -5.77
C GLU A 95 -12.33 -3.07 -5.34
N SER A 96 -11.58 -3.56 -4.35
CA SER A 96 -11.88 -4.86 -3.75
CA SER A 96 -11.89 -4.87 -3.76
C SER A 96 -13.23 -4.79 -3.03
N VAL A 97 -13.42 -3.71 -2.28
CA VAL A 97 -14.69 -3.50 -1.60
C VAL A 97 -15.83 -3.43 -2.64
N ALA A 98 -15.67 -2.69 -3.74
CA ALA A 98 -16.71 -2.57 -4.76
C ALA A 98 -17.01 -3.91 -5.42
N LEU A 99 -15.95 -4.67 -5.73
CA LEU A 99 -16.11 -5.98 -6.34
C LEU A 99 -17.02 -6.88 -5.53
N LEU A 100 -16.88 -6.81 -4.21
CA LEU A 100 -17.57 -7.71 -3.27
C LEU A 100 -18.82 -7.08 -2.63
N GLY A 101 -19.18 -5.90 -3.11
CA GLY A 101 -20.41 -5.22 -2.69
C GLY A 101 -20.43 -4.64 -1.28
N GLY A 102 -19.25 -4.36 -0.73
CA GLY A 102 -19.14 -3.76 0.61
C GLY A 102 -19.41 -2.28 0.59
N ASP A 103 -19.36 -1.67 1.78
CA ASP A 103 -19.66 -0.27 1.99
C ASP A 103 -18.49 0.59 1.48
N ALA A 104 -18.76 1.40 0.47
CA ALA A 104 -17.72 2.23 -0.15
C ALA A 104 -17.11 3.23 0.83
N GLU A 105 -17.90 3.71 1.80
CA GLU A 105 -17.37 4.67 2.76
C GLU A 105 -16.37 3.97 3.66
N ALA A 106 -16.67 2.74 4.08
CA ALA A 106 -15.71 1.96 4.86
C ALA A 106 -14.45 1.69 4.02
N GLY A 107 -14.65 1.36 2.76
CA GLY A 107 -13.53 1.19 1.82
C GLY A 107 -12.63 2.42 1.71
N LEU A 108 -13.27 3.59 1.63
CA LEU A 108 -12.52 4.85 1.57
C LEU A 108 -11.71 5.10 2.85
N HIS A 109 -12.31 4.85 4.01
CA HIS A 109 -11.62 5.06 5.29
C HIS A 109 -10.46 4.10 5.42
N VAL A 110 -10.69 2.82 5.12
CA VAL A 110 -9.59 1.83 5.22
C VAL A 110 -8.48 2.12 4.20
N GLY A 111 -8.85 2.54 2.99
CA GLY A 111 -7.85 2.95 1.99
C GLY A 111 -7.01 4.12 2.50
N ALA A 112 -7.67 5.10 3.13
CA ALA A 112 -6.94 6.25 3.69
C ALA A 112 -5.95 5.82 4.77
N ALA A 113 -6.42 4.93 5.65
CA ALA A 113 -5.57 4.38 6.69
C ALA A 113 -4.35 3.70 6.10
N LEU A 114 -4.59 2.86 5.10
CA LEU A 114 -3.49 2.14 4.45
C LEU A 114 -2.51 3.10 3.79
N GLU A 115 -3.05 4.16 3.19
CA GLU A 115 -2.19 5.17 2.59
C GLU A 115 -1.34 5.90 3.62
N CYS A 116 -1.92 6.22 4.77
CA CYS A 116 -1.14 6.85 5.84
C CYS A 116 0.04 5.95 6.20
N LEU A 117 -0.23 4.64 6.32
CA LEU A 117 0.84 3.70 6.68
C LEU A 117 1.89 3.64 5.56
N HIS A 118 1.44 3.47 4.31
CA HIS A 118 2.39 3.51 3.21
C HIS A 118 3.27 4.76 3.27
N CYS A 119 2.66 5.92 3.46
CA CYS A 119 3.41 7.17 3.47
C CYS A 119 4.37 7.25 4.66
N TYR A 120 3.99 6.71 5.82
CA TYR A 120 4.91 6.72 6.96
C TYR A 120 6.16 5.96 6.57
N SER A 121 5.98 4.84 5.87
CA SER A 121 7.12 3.99 5.56
C SER A 121 8.13 4.74 4.68
N LEU A 122 7.63 5.61 3.81
CA LEU A 122 8.50 6.37 2.90
C LEU A 122 9.25 7.44 3.68
N VAL A 123 8.55 8.13 4.59
CA VAL A 123 9.16 9.15 5.42
C VAL A 123 10.34 8.59 6.20
N HIS A 124 10.16 7.42 6.80
CA HIS A 124 11.27 6.79 7.51
C HIS A 124 12.34 6.25 6.56
N ASP A 125 11.94 5.61 5.47
CA ASP A 125 12.94 5.05 4.55
CA ASP A 125 12.94 5.04 4.55
C ASP A 125 13.83 6.12 3.90
N ASP A 126 13.29 7.33 3.74
CA ASP A 126 14.07 8.42 3.13
C ASP A 126 15.18 8.94 4.07
N LEU A 127 15.06 8.66 5.38
CA LEU A 127 16.02 9.18 6.36
C LEU A 127 17.47 8.78 6.02
N PRO A 128 18.43 9.65 6.39
CA PRO A 128 19.84 9.37 6.17
C PRO A 128 20.30 8.00 6.64
N ALA A 129 19.74 7.53 7.77
CA ALA A 129 20.12 6.22 8.35
C ALA A 129 19.65 5.05 7.49
N MET A 130 18.65 5.30 6.66
CA MET A 130 18.06 4.29 5.80
C MET A 130 18.48 4.51 4.36
N ASP A 131 17.58 4.94 3.46
CA ASP A 131 17.90 5.12 2.05
CA ASP A 131 17.94 5.11 2.05
C ASP A 131 18.57 6.47 1.75
N ASP A 132 18.43 7.43 2.66
CA ASP A 132 19.12 8.72 2.56
C ASP A 132 18.77 9.46 1.25
N ASP A 133 17.50 9.85 1.15
CA ASP A 133 17.02 10.57 -0.03
C ASP A 133 16.69 12.02 0.29
N ASP A 134 17.23 12.94 -0.49
CA ASP A 134 16.93 14.36 -0.37
C ASP A 134 15.65 14.72 -1.12
N LEU A 135 15.29 13.93 -2.11
CA LEU A 135 14.12 14.19 -2.94
C LEU A 135 13.17 13.00 -3.02
N ARG A 136 11.89 13.30 -3.13
CA ARG A 136 10.88 12.30 -3.44
C ARG A 136 9.85 12.94 -4.36
N ARG A 137 9.67 12.33 -5.52
CA ARG A 137 8.79 12.83 -6.56
C ARG A 137 9.01 14.32 -6.82
N GLY A 138 10.27 14.70 -7.00
CA GLY A 138 10.63 16.09 -7.29
C GLY A 138 10.56 17.09 -6.15
N GLN A 139 10.09 16.65 -4.95
CA GLN A 139 9.96 17.54 -3.79
C GLN A 139 10.96 17.15 -2.70
N PRO A 140 11.29 18.09 -1.81
CA PRO A 140 12.16 17.73 -0.69
C PRO A 140 11.50 16.66 0.15
N THR A 141 12.31 15.75 0.66
CA THR A 141 11.81 14.77 1.61
C THR A 141 11.48 15.47 2.95
N VAL A 142 10.74 14.77 3.80
CA VAL A 142 10.27 15.39 5.02
C VAL A 142 11.42 15.87 5.91
N HIS A 143 12.50 15.08 6.02
CA HIS A 143 13.62 15.47 6.90
C HIS A 143 14.39 16.67 6.35
N ARG A 144 14.34 16.86 5.03
CA ARG A 144 14.98 18.01 4.37
C ARG A 144 14.14 19.28 4.53
N LYS A 145 12.83 19.18 4.31
CA LYS A 145 11.94 20.34 4.46
C LYS A 145 11.75 20.77 5.93
N PHE A 146 11.75 19.80 6.83
CA PHE A 146 11.63 20.04 8.27
C PHE A 146 12.98 19.70 8.90
N ASP A 147 13.05 18.61 9.66
CA ASP A 147 14.30 18.08 10.15
C ASP A 147 14.13 16.59 10.45
N GLU A 148 15.22 15.91 10.82
CA GLU A 148 15.17 14.46 11.00
C GLU A 148 14.22 14.08 12.16
N ALA A 149 14.30 14.79 13.29
CA ALA A 149 13.38 14.53 14.42
C ALA A 149 11.90 14.60 14.02
N THR A 150 11.55 15.68 13.34
CA THR A 150 10.20 15.87 12.88
C THR A 150 9.80 14.79 11.89
N ALA A 151 10.73 14.37 11.01
CA ALA A 151 10.43 13.28 10.08
C ALA A 151 10.15 11.97 10.84
N ILE A 152 10.99 11.68 11.84
CA ILE A 152 10.78 10.47 12.63
C ILE A 152 9.39 10.49 13.28
N LEU A 153 9.05 11.62 13.91
CA LEU A 153 7.80 11.77 14.62
C LEU A 153 6.61 11.79 13.64
N ALA A 154 6.81 12.33 12.45
CA ALA A 154 5.73 12.39 11.44
C ALA A 154 5.40 10.99 10.96
N GLY A 155 6.44 10.19 10.71
CA GLY A 155 6.20 8.80 10.34
C GLY A 155 5.54 8.02 11.47
N ASP A 156 6.02 8.24 12.69
CA ASP A 156 5.46 7.57 13.86
C ASP A 156 3.97 7.91 14.01
N SER A 157 3.67 9.19 13.77
CA SER A 157 2.31 9.68 13.94
C SER A 157 1.39 9.17 12.81
N LEU A 158 1.91 9.07 11.60
CA LEU A 158 1.13 8.51 10.47
C LEU A 158 0.86 7.01 10.67
N LEU A 159 1.85 6.27 11.17
CA LEU A 159 1.63 4.85 11.51
C LEU A 159 0.53 4.71 12.58
N THR A 160 0.61 5.54 13.62
CA THR A 160 -0.36 5.53 14.71
C THR A 160 -1.75 5.87 14.17
N LEU A 161 -1.82 6.91 13.35
CA LEU A 161 -3.09 7.39 12.79
C LEU A 161 -3.79 6.34 11.93
N ALA A 162 -3.02 5.52 11.21
CA ALA A 162 -3.59 4.44 10.39
C ALA A 162 -4.55 3.58 11.23
N PHE A 163 -4.11 3.24 12.45
CA PHE A 163 -4.92 2.41 13.33
C PHE A 163 -6.14 3.13 13.88
N ASP A 164 -5.95 4.40 14.24
CA ASP A 164 -7.08 5.27 14.59
C ASP A 164 -8.14 5.30 13.49
N ILE A 165 -7.72 5.50 12.24
CA ILE A 165 -8.65 5.63 11.13
C ILE A 165 -9.45 4.36 10.92
N ILE A 166 -8.77 3.22 11.03
CA ILE A 166 -9.50 1.96 10.87
C ILE A 166 -10.54 1.74 11.96
N ALA A 167 -10.15 1.98 13.22
CA ALA A 167 -11.00 1.56 14.34
C ALA A 167 -12.05 2.60 14.73
N SER A 168 -11.87 3.83 14.26
CA SER A 168 -12.72 4.96 14.65
CA SER A 168 -12.71 4.97 14.61
C SER A 168 -14.19 4.74 14.32
N ASP A 169 -15.05 5.35 15.14
CA ASP A 169 -16.48 5.24 14.93
C ASP A 169 -16.93 5.88 13.63
N ASP A 170 -16.15 6.83 13.08
CA ASP A 170 -16.54 7.42 11.79
C ASP A 170 -16.19 6.55 10.56
N ASN A 171 -15.55 5.40 10.81
CA ASN A 171 -15.43 4.34 9.82
C ASN A 171 -16.66 3.46 9.99
N PRO A 172 -17.60 3.48 9.01
CA PRO A 172 -18.85 2.75 9.22
C PRO A 172 -18.68 1.26 8.96
N LEU A 173 -18.19 0.55 9.98
CA LEU A 173 -17.82 -0.85 9.86
C LEU A 173 -17.94 -1.53 11.24
N ALA A 174 -18.48 -2.75 11.26
CA ALA A 174 -18.68 -3.46 12.52
C ALA A 174 -17.36 -3.70 13.23
N ALA A 175 -17.41 -3.72 14.55
CA ALA A 175 -16.23 -3.89 15.41
C ALA A 175 -15.43 -5.14 15.08
N GLU A 176 -16.12 -6.24 14.80
CA GLU A 176 -15.44 -7.50 14.50
C GLU A 176 -14.58 -7.38 13.24
N ARG A 177 -15.11 -6.66 12.25
CA ARG A 177 -14.39 -6.41 11.01
C ARG A 177 -13.21 -5.42 11.21
N LYS A 178 -13.42 -4.40 12.02
CA LYS A 178 -12.35 -3.48 12.45
C LYS A 178 -11.21 -4.23 13.12
N ALA A 179 -11.53 -5.09 14.08
CA ALA A 179 -10.49 -5.88 14.77
C ALA A 179 -9.71 -6.74 13.77
N ALA A 180 -10.42 -7.41 12.87
CA ALA A 180 -9.79 -8.24 11.85
C ALA A 180 -8.83 -7.43 10.99
N LEU A 181 -9.24 -6.22 10.63
CA LEU A 181 -8.41 -5.34 9.81
C LEU A 181 -7.18 -4.86 10.59
N VAL A 182 -7.35 -4.56 11.88
CA VAL A 182 -6.22 -4.10 12.70
C VAL A 182 -5.16 -5.22 12.76
N ILE A 183 -5.62 -6.44 12.99
CA ILE A 183 -4.70 -7.60 13.00
C ILE A 183 -4.03 -7.75 11.64
N SER A 184 -4.82 -7.74 10.57
CA SER A 184 -4.28 -7.97 9.24
C SER A 184 -3.26 -6.88 8.86
N LEU A 185 -3.58 -5.63 9.18
CA LEU A 185 -2.68 -4.53 8.84
C LEU A 185 -1.38 -4.57 9.66
N ALA A 186 -1.52 -4.86 10.95
CA ALA A 186 -0.36 -4.94 11.85
C ALA A 186 0.56 -6.08 11.43
N ARG A 187 -0.02 -7.22 11.04
CA ARG A 187 0.79 -8.36 10.61
C ARG A 187 1.47 -8.04 9.30
N ALA A 188 0.74 -7.39 8.38
CA ALA A 188 1.31 -7.03 7.07
C ALA A 188 2.40 -5.97 7.18
N ALA A 189 2.32 -5.12 8.21
CA ALA A 189 3.17 -3.94 8.32
C ALA A 189 4.42 -4.08 9.21
N GLY A 190 4.38 -5.07 10.11
CA GLY A 190 5.33 -5.17 11.21
C GLY A 190 6.49 -6.13 10.97
N ILE A 191 6.96 -6.70 12.06
CA ILE A 191 8.14 -7.59 12.09
C ILE A 191 8.05 -8.70 11.04
N GLY A 192 6.85 -9.25 10.87
CA GLY A 192 6.65 -10.33 9.88
C GLY A 192 6.12 -9.87 8.52
N GLY A 193 6.17 -8.56 8.29
CA GLY A 193 5.70 -7.94 7.08
C GLY A 193 6.66 -6.82 6.67
N MET A 194 6.09 -5.66 6.35
CA MET A 194 6.82 -4.56 5.71
C MET A 194 8.12 -4.19 6.46
N ALA A 195 8.01 -3.93 7.76
CA ALA A 195 9.16 -3.46 8.54
C ALA A 195 10.26 -4.51 8.56
N GLY A 196 9.86 -5.77 8.71
CA GLY A 196 10.82 -6.87 8.64
C GLY A 196 11.47 -6.97 7.28
N GLY A 197 10.68 -6.76 6.24
CA GLY A 197 11.23 -6.74 4.87
C GLY A 197 12.25 -5.65 4.66
N GLN A 198 12.02 -4.50 5.25
CA GLN A 198 12.98 -3.40 5.16
C GLN A 198 14.26 -3.79 5.87
N ALA A 199 14.14 -4.44 7.02
CA ALA A 199 15.32 -4.95 7.72
C ALA A 199 16.08 -5.96 6.85
N LEU A 200 15.36 -6.86 6.17
CA LEU A 200 16.02 -7.86 5.33
C LEU A 200 16.68 -7.20 4.12
N ASP A 201 16.06 -6.12 3.63
CA ASP A 201 16.58 -5.43 2.47
C ASP A 201 17.90 -4.72 2.79
N LEU A 202 17.95 -4.05 3.92
CA LEU A 202 19.17 -3.38 4.35
C LEU A 202 20.29 -4.39 4.62
N ALA A 203 19.94 -5.53 5.23
CA ALA A 203 20.90 -6.61 5.44
C ALA A 203 21.42 -7.19 4.12
N ALA A 204 20.56 -7.23 3.11
CA ALA A 204 20.94 -7.72 1.78
C ALA A 204 22.04 -6.86 1.13
N GLU A 205 22.10 -5.58 1.50
CA GLU A 205 23.12 -4.66 0.96
C GLU A 205 24.54 -5.04 1.36
N LYS A 206 24.70 -5.65 2.54
CA LYS A 206 26.02 -6.05 3.05
C LYS A 206 26.31 -7.55 2.88
N LYS A 207 25.24 -8.33 2.66
CA LYS A 207 25.36 -9.78 2.50
C LYS A 207 24.33 -10.24 1.47
N ALA A 208 24.79 -10.54 0.25
CA ALA A 208 23.87 -10.84 -0.85
C ALA A 208 22.95 -12.03 -0.53
N PRO A 209 21.63 -11.87 -0.70
CA PRO A 209 20.72 -12.98 -0.47
C PRO A 209 20.68 -13.93 -1.66
N ASP A 210 20.21 -15.15 -1.41
CA ASP A 210 19.93 -16.08 -2.49
C ASP A 210 18.51 -15.87 -3.00
N GLU A 211 18.08 -16.68 -3.95
CA GLU A 211 16.78 -16.45 -4.56
C GLU A 211 15.63 -16.54 -3.54
N ASP A 212 15.67 -17.57 -2.69
CA ASP A 212 14.65 -17.72 -1.66
C ASP A 212 14.63 -16.48 -0.74
N GLY A 213 15.80 -15.95 -0.44
CA GLY A 213 15.88 -14.76 0.39
C GLY A 213 15.28 -13.52 -0.24
N ILE A 214 15.51 -13.36 -1.54
CA ILE A 214 14.97 -12.25 -2.31
C ILE A 214 13.45 -12.33 -2.35
N ILE A 215 12.92 -13.52 -2.63
CA ILE A 215 11.48 -13.69 -2.73
C ILE A 215 10.83 -13.31 -1.39
N THR A 216 11.46 -13.76 -0.31
CA THR A 216 10.94 -13.48 1.03
C THR A 216 10.99 -11.99 1.35
N LEU A 217 12.13 -11.33 1.14
CA LEU A 217 12.21 -9.92 1.51
C LEU A 217 11.26 -9.07 0.65
N GLN A 218 11.11 -9.44 -0.63
CA GLN A 218 10.16 -8.74 -1.51
C GLN A 218 8.70 -8.93 -1.08
N ALA A 219 8.32 -10.17 -0.75
CA ALA A 219 6.98 -10.46 -0.26
C ALA A 219 6.64 -9.63 0.97
N MET A 220 7.66 -9.34 1.79
CA MET A 220 7.48 -8.55 3.01
C MET A 220 7.51 -7.05 2.72
N LYS A 221 8.57 -6.60 2.07
CA LYS A 221 8.84 -5.18 1.91
C LYS A 221 7.80 -4.47 1.07
N THR A 222 7.39 -5.12 -0.01
CA THR A 222 6.38 -4.54 -0.89
C THR A 222 5.13 -5.39 -1.07
N GLY A 223 5.24 -6.71 -1.03
CA GLY A 223 4.05 -7.52 -1.28
C GLY A 223 2.97 -7.42 -0.22
N ALA A 224 3.36 -7.32 1.05
CA ALA A 224 2.41 -7.53 2.15
C ALA A 224 1.31 -6.44 2.17
N LEU A 225 1.68 -5.19 1.93
CA LEU A 225 0.67 -4.11 1.90
C LEU A 225 -0.29 -4.25 0.73
N LEU A 226 0.21 -4.77 -0.39
CA LEU A 226 -0.64 -4.98 -1.59
C LEU A 226 -1.60 -6.18 -1.39
N ARG A 227 -1.09 -7.24 -0.77
CA ARG A 227 -1.91 -8.36 -0.30
C ARG A 227 -3.03 -7.87 0.63
N PHE A 228 -2.64 -7.11 1.64
CA PHE A 228 -3.57 -6.56 2.59
C PHE A 228 -4.63 -5.71 1.86
N ALA A 229 -4.21 -4.87 0.91
CA ALA A 229 -5.16 -3.96 0.25
C ALA A 229 -6.32 -4.72 -0.37
N CYS A 230 -6.00 -5.84 -0.99
CA CYS A 230 -7.01 -6.65 -1.67
C CYS A 230 -7.80 -7.49 -0.71
N GLU A 231 -7.12 -8.12 0.24
CA GLU A 231 -7.80 -8.94 1.24
C GLU A 231 -8.75 -8.10 2.09
N ALA A 232 -8.38 -6.84 2.35
CA ALA A 232 -9.20 -5.93 3.13
C ALA A 232 -10.61 -5.76 2.59
N GLY A 233 -10.76 -5.80 1.26
CA GLY A 233 -12.07 -5.66 0.67
C GLY A 233 -13.01 -6.76 1.10
N ALA A 234 -12.49 -7.99 1.13
CA ALA A 234 -13.23 -9.15 1.62
C ALA A 234 -13.56 -9.04 3.11
N ILE A 235 -12.61 -8.57 3.91
CA ILE A 235 -12.87 -8.37 5.34
C ILE A 235 -13.98 -7.32 5.55
N ILE A 236 -13.87 -6.21 4.84
CA ILE A 236 -14.84 -5.11 4.93
C ILE A 236 -16.23 -5.59 4.44
N ALA A 237 -16.26 -6.38 3.39
CA ALA A 237 -17.52 -6.83 2.78
C ALA A 237 -18.18 -7.94 3.60
N GLY A 238 -17.46 -8.50 4.56
CA GLY A 238 -17.97 -9.61 5.38
C GLY A 238 -18.04 -10.91 4.58
N SER A 239 -17.07 -11.10 3.69
CA SER A 239 -17.01 -12.27 2.80
C SER A 239 -16.74 -13.55 3.56
N ASN A 240 -17.14 -14.68 2.99
CA ASN A 240 -16.76 -15.97 3.56
C ASN A 240 -15.27 -16.24 3.40
N GLN A 241 -14.76 -17.24 4.11
CA GLN A 241 -13.33 -17.56 4.11
C GLN A 241 -12.77 -17.76 2.70
N ALA A 242 -13.51 -18.49 1.88
CA ALA A 242 -13.08 -18.80 0.52
C ALA A 242 -12.82 -17.55 -0.30
N GLU A 243 -13.73 -16.59 -0.18
CA GLU A 243 -13.66 -15.35 -0.94
C GLU A 243 -12.55 -14.45 -0.40
N ARG A 244 -12.41 -14.41 0.92
CA ARG A 244 -11.29 -13.70 1.54
C ARG A 244 -9.96 -14.29 1.05
N GLN A 245 -9.82 -15.61 1.04
CA GLN A 245 -8.61 -16.24 0.50
C GLN A 245 -8.39 -15.89 -0.96
N ARG A 246 -9.45 -15.89 -1.76
CA ARG A 246 -9.36 -15.55 -3.19
C ARG A 246 -8.77 -14.14 -3.35
N LEU A 247 -9.30 -13.18 -2.60
CA LEU A 247 -8.80 -11.80 -2.73
C LEU A 247 -7.38 -11.64 -2.20
N ARG A 248 -7.05 -12.33 -1.12
CA ARG A 248 -5.66 -12.44 -0.65
C ARG A 248 -4.70 -12.94 -1.76
N LEU A 249 -5.07 -14.06 -2.36
CA LEU A 249 -4.25 -14.61 -3.41
C LEU A 249 -4.10 -13.62 -4.56
N PHE A 250 -5.20 -12.97 -4.94
CA PHE A 250 -5.16 -11.95 -5.98
C PHE A 250 -4.14 -10.85 -5.58
N GLY A 251 -4.20 -10.43 -4.33
CA GLY A 251 -3.30 -9.41 -3.82
C GLY A 251 -1.85 -9.85 -3.86
N GLU A 252 -1.61 -11.13 -3.54
CA GLU A 252 -0.26 -11.70 -3.68
C GLU A 252 0.22 -11.62 -5.15
N LYS A 253 -0.62 -11.95 -6.13
CA LYS A 253 -0.21 -11.85 -7.54
C LYS A 253 0.06 -10.39 -7.97
N ILE A 254 -0.76 -9.46 -7.49
CA ILE A 254 -0.52 -8.03 -7.75
C ILE A 254 0.86 -7.63 -7.23
N GLY A 255 1.19 -8.05 -6.02
CA GLY A 255 2.45 -7.66 -5.41
C GLY A 255 3.65 -8.27 -6.11
N LEU A 256 3.53 -9.54 -6.49
CA LEU A 256 4.57 -10.23 -7.26
C LEU A 256 4.79 -9.46 -8.58
N SER A 257 3.71 -9.07 -9.25
CA SER A 257 3.82 -8.36 -10.51
C SER A 257 4.40 -6.95 -10.31
N PHE A 258 3.94 -6.28 -9.26
CA PHE A 258 4.41 -4.93 -8.92
C PHE A 258 5.93 -4.90 -8.77
N GLN A 259 6.46 -5.89 -8.04
CA GLN A 259 7.89 -5.97 -7.79
C GLN A 259 8.69 -6.25 -9.07
N LEU A 260 8.27 -7.25 -9.84
CA LEU A 260 8.95 -7.61 -11.10
C LEU A 260 8.95 -6.46 -12.09
N ALA A 261 7.77 -5.86 -12.31
CA ALA A 261 7.65 -4.77 -13.26
C ALA A 261 8.61 -3.64 -12.89
N ASP A 262 8.70 -3.36 -11.59
CA ASP A 262 9.54 -2.27 -11.09
C ASP A 262 11.02 -2.58 -11.33
N ASP A 263 11.42 -3.82 -11.02
CA ASP A 263 12.81 -4.22 -11.21
C ASP A 263 13.16 -4.29 -12.69
N LEU A 264 12.21 -4.66 -13.54
CA LEU A 264 12.39 -4.62 -15.01
C LEU A 264 12.57 -3.19 -15.51
N LEU A 265 11.70 -2.29 -15.08
CA LEU A 265 11.80 -0.86 -15.44
C LEU A 265 13.19 -0.34 -15.16
N ASP A 266 13.64 -0.52 -13.92
CA ASP A 266 14.98 -0.08 -13.53
C ASP A 266 16.06 -0.70 -14.41
N LEU A 267 15.92 -2.00 -14.69
CA LEU A 267 16.86 -2.70 -15.57
C LEU A 267 16.97 -1.97 -16.91
N THR A 268 15.82 -1.80 -17.56
CA THR A 268 15.76 -1.07 -18.84
C THR A 268 15.55 0.41 -18.59
N LYS A 286 20.89 -5.14 -5.88
CA LYS A 286 21.24 -5.96 -7.05
C LYS A 286 20.64 -7.37 -6.92
N GLY A 287 20.30 -7.73 -5.69
CA GLY A 287 19.54 -8.94 -5.39
C GLY A 287 18.12 -8.79 -5.87
N THR A 288 17.94 -9.05 -7.16
CA THR A 288 16.66 -8.92 -7.83
C THR A 288 16.43 -10.23 -8.58
N LEU A 289 15.18 -10.64 -8.73
CA LEU A 289 14.91 -11.84 -9.52
C LEU A 289 15.26 -11.62 -11.00
N VAL A 290 15.08 -10.38 -11.47
CA VAL A 290 15.52 -10.00 -12.81
C VAL A 290 17.01 -10.26 -12.97
N ALA A 291 17.79 -9.87 -11.96
CA ALA A 291 19.25 -10.06 -11.98
C ALA A 291 19.62 -11.53 -11.98
N LEU A 292 18.94 -12.32 -11.15
CA LEU A 292 19.29 -13.74 -11.02
C LEU A 292 18.78 -14.59 -12.17
N ARG A 293 17.56 -14.32 -12.65
CA ARG A 293 16.90 -15.18 -13.63
C ARG A 293 16.91 -14.63 -15.06
N GLY A 294 17.20 -13.35 -15.23
CA GLY A 294 17.23 -12.73 -16.54
C GLY A 294 15.91 -12.07 -16.95
N GLU A 295 16.02 -11.10 -17.86
CA GLU A 295 14.88 -10.32 -18.32
C GLU A 295 13.78 -11.16 -18.99
N ALA A 296 14.20 -12.12 -19.81
CA ALA A 296 13.26 -12.99 -20.52
C ALA A 296 12.41 -13.81 -19.55
N TRP A 297 13.04 -14.35 -18.52
CA TRP A 297 12.34 -15.09 -17.49
C TRP A 297 11.34 -14.17 -16.79
N ALA A 298 11.80 -12.96 -16.46
CA ALA A 298 10.97 -12.01 -15.72
C ALA A 298 9.75 -11.57 -16.52
N ARG A 299 9.92 -11.31 -17.81
CA ARG A 299 8.82 -10.86 -18.63
C ARG A 299 7.77 -11.95 -18.83
N GLU A 300 8.21 -13.21 -18.96
CA GLU A 300 7.27 -14.32 -19.04
C GLU A 300 6.53 -14.54 -17.71
N LYS A 301 7.26 -14.45 -16.60
CA LYS A 301 6.66 -14.63 -15.28
C LYS A 301 5.63 -13.53 -14.99
N LEU A 302 5.92 -12.29 -15.40
CA LEU A 302 4.93 -11.19 -15.29
C LEU A 302 3.66 -11.53 -16.03
N GLN A 303 3.81 -11.98 -17.27
CA GLN A 303 2.69 -12.35 -18.10
C GLN A 303 1.86 -13.47 -17.44
N GLU A 304 2.56 -14.44 -16.86
CA GLU A 304 1.91 -15.55 -16.14
C GLU A 304 1.09 -15.04 -14.95
N GLN A 305 1.68 -14.15 -14.17
CA GLN A 305 1.03 -13.60 -12.98
C GLN A 305 -0.22 -12.79 -13.30
N VAL A 306 -0.21 -12.05 -14.41
CA VAL A 306 -1.40 -11.33 -14.84
C VAL A 306 -2.50 -12.32 -15.23
N ALA A 307 -2.12 -13.37 -15.94
CA ALA A 307 -3.07 -14.41 -16.31
C ALA A 307 -3.66 -15.10 -15.08
N GLU A 308 -2.82 -15.43 -14.11
CA GLU A 308 -3.26 -16.05 -12.87
C GLU A 308 -4.18 -15.13 -12.07
N ALA A 309 -3.80 -13.85 -12.00
CA ALA A 309 -4.60 -12.84 -11.32
C ALA A 309 -6.00 -12.75 -11.93
N SER A 310 -6.05 -12.71 -13.25
CA SER A 310 -7.30 -12.64 -13.99
C SER A 310 -8.19 -13.87 -13.78
N GLU A 311 -7.56 -15.04 -13.75
CA GLU A 311 -8.30 -16.27 -13.55
C GLU A 311 -8.94 -16.30 -12.14
N LEU A 312 -8.25 -15.75 -11.15
CA LEU A 312 -8.78 -15.73 -9.79
C LEU A 312 -10.08 -14.98 -9.70
N LEU A 313 -10.24 -13.93 -10.51
CA LEU A 313 -11.44 -13.11 -10.44
C LEU A 313 -12.47 -13.44 -11.49
N ALA A 314 -12.23 -14.48 -12.28
CA ALA A 314 -13.14 -14.94 -13.31
C ALA A 314 -14.57 -15.08 -12.80
N PRO A 315 -14.77 -15.65 -11.60
CA PRO A 315 -16.15 -15.89 -11.18
C PRO A 315 -17.03 -14.65 -11.03
N TYR A 316 -16.42 -13.46 -10.91
CA TYR A 316 -17.16 -12.21 -10.77
C TYR A 316 -17.54 -11.57 -12.10
N GLY A 317 -17.11 -12.15 -13.21
CA GLY A 317 -17.46 -11.65 -14.54
C GLY A 317 -17.04 -10.22 -14.80
N GLU A 318 -17.90 -9.46 -15.46
CA GLU A 318 -17.57 -8.07 -15.87
C GLU A 318 -17.22 -7.18 -14.69
N LYS A 319 -17.77 -7.51 -13.52
CA LYS A 319 -17.57 -6.71 -12.33
C LYS A 319 -16.09 -6.70 -11.89
N ALA A 320 -15.31 -7.67 -12.35
CA ALA A 320 -13.87 -7.75 -12.04
C ALA A 320 -12.98 -6.99 -13.04
N ALA A 321 -13.58 -6.35 -14.04
CA ALA A 321 -12.81 -5.70 -15.11
C ALA A 321 -11.80 -4.67 -14.61
N ILE A 322 -12.22 -3.86 -13.64
CA ILE A 322 -11.33 -2.81 -13.09
C ILE A 322 -10.12 -3.38 -12.39
N LEU A 323 -10.32 -4.39 -11.56
CA LEU A 323 -9.19 -5.02 -10.87
C LEU A 323 -8.30 -5.80 -11.83
N ILE A 324 -8.91 -6.44 -12.82
CA ILE A 324 -8.12 -7.15 -13.84
C ILE A 324 -7.27 -6.14 -14.64
N ALA A 325 -7.85 -4.97 -14.94
CA ALA A 325 -7.12 -3.89 -15.62
C ALA A 325 -5.95 -3.40 -14.78
N ALA A 326 -6.14 -3.35 -13.46
CA ALA A 326 -5.06 -2.97 -12.56
C ALA A 326 -3.90 -3.96 -12.68
N ALA A 327 -4.22 -5.24 -12.70
CA ALA A 327 -3.18 -6.25 -12.83
C ALA A 327 -2.39 -6.04 -14.12
N ARG A 328 -3.10 -5.78 -15.21
CA ARG A 328 -2.45 -5.56 -16.49
C ARG A 328 -1.64 -4.26 -16.51
N PHE A 329 -2.16 -3.19 -15.91
CA PHE A 329 -1.43 -1.92 -15.84
C PHE A 329 -0.11 -2.06 -15.10
N ILE A 330 -0.21 -2.64 -13.91
CA ILE A 330 0.94 -2.87 -13.04
C ILE A 330 1.99 -3.67 -13.79
N ALA A 331 1.55 -4.78 -14.38
CA ALA A 331 2.47 -5.77 -14.95
C ALA A 331 3.17 -5.28 -16.20
N GLU A 332 2.62 -4.27 -16.86
CA GLU A 332 3.18 -3.75 -18.11
C GLU A 332 3.28 -2.23 -18.08
#